data_3DV8
#
_entry.id   3DV8
#
_cell.length_a   45.560
_cell.length_b   88.482
_cell.length_c   181.304
_cell.angle_alpha   90.000
_cell.angle_beta   90.000
_cell.angle_gamma   90.000
#
_symmetry.space_group_name_H-M   'I 2 2 2'
#
loop_
_entity.id
_entity.type
_entity.pdbx_description
1 polymer 'transcriptional regulator, Crp/Fnr family'
2 water water
#
_entity_poly.entity_id   1
_entity_poly.type   'polypeptide(L)'
_entity_poly.pdbx_seq_one_letter_code
;G(MSE)SFENYFPLWNDLNTAQKKLISDNLITQHVKKGTIIHNGN(MSE)DCTGLLLVKSGQLRTYILSDEGREITLYRL
FD(MSE)D(MSE)CLLSASCI(MSE)RSIQFEVTIEAEKDTDLWIIPAEIYKGI(MSE)KDSAPVANYTNEL(MSE)ATR
FSDV(MSE)WLIEQI(MSE)WKSLDKRVASFLLEETSIEGTNELKITHETIANHLGSHREVITR(MSE)LRYFQVEGLVK
LSRGKITILDSKRLETLQRS
;
_entity_poly.pdbx_strand_id   A
#
# COMPACT_ATOMS: atom_id res chain seq x y z
N GLU A 5 -3.22 -9.92 -18.48
CA GLU A 5 -2.47 -10.72 -19.50
C GLU A 5 -1.07 -10.14 -19.82
N ASN A 6 -1.01 -8.82 -19.98
CA ASN A 6 0.27 -8.09 -20.16
C ASN A 6 0.92 -7.77 -18.79
N TYR A 7 0.06 -7.52 -17.80
CA TYR A 7 0.42 -7.09 -16.43
C TYR A 7 0.69 -8.23 -15.43
N PHE A 8 0.50 -9.47 -15.87
CA PHE A 8 0.63 -10.69 -15.06
C PHE A 8 1.88 -11.44 -15.58
N PRO A 9 3.05 -11.32 -14.88
CA PRO A 9 4.31 -11.93 -15.37
C PRO A 9 4.36 -13.46 -15.30
N LEU A 10 3.52 -14.05 -14.45
CA LEU A 10 3.37 -15.52 -14.34
C LEU A 10 2.67 -16.16 -15.57
N TRP A 11 1.97 -15.35 -16.38
CA TRP A 11 1.23 -15.79 -17.58
C TRP A 11 2.01 -16.67 -18.56
N ASN A 12 3.24 -16.27 -18.87
CA ASN A 12 4.11 -17.04 -19.79
C ASN A 12 4.52 -18.40 -19.21
N ASP A 13 4.56 -18.49 -17.88
CA ASP A 13 4.86 -19.73 -17.16
C ASP A 13 3.63 -20.67 -17.03
N LEU A 14 2.40 -20.14 -17.17
CA LEU A 14 1.17 -20.97 -17.08
C LEU A 14 0.94 -21.80 -18.35
N ASN A 15 0.28 -22.96 -18.18
CA ASN A 15 -0.11 -23.83 -19.32
C ASN A 15 -1.47 -23.39 -19.89
N THR A 16 -1.94 -24.05 -20.95
CA THR A 16 -3.24 -23.73 -21.58
C THR A 16 -4.40 -23.83 -20.58
N ALA A 17 -4.48 -24.96 -19.87
CA ALA A 17 -5.54 -25.21 -18.88
C ALA A 17 -5.58 -24.15 -17.77
N GLN A 18 -4.40 -23.79 -17.25
CA GLN A 18 -4.27 -22.73 -16.21
C GLN A 18 -4.61 -21.33 -16.74
N LYS A 19 -4.10 -21.02 -17.93
CA LYS A 19 -4.40 -19.76 -18.64
C LYS A 19 -5.90 -19.57 -18.88
N LYS A 20 -6.59 -20.66 -19.25
CA LYS A 20 -8.02 -20.62 -19.53
C LYS A 20 -8.88 -20.45 -18.27
N LEU A 21 -8.51 -21.17 -17.19
CA LEU A 21 -9.24 -21.14 -15.93
C LEU A 21 -9.22 -19.75 -15.30
N ILE A 22 -8.06 -19.09 -15.35
CA ILE A 22 -7.90 -17.72 -14.83
C ILE A 22 -8.62 -16.71 -15.73
N SER A 23 -8.37 -16.80 -17.03
CA SER A 23 -8.96 -15.91 -18.04
C SER A 23 -10.49 -15.90 -18.01
N ASP A 24 -11.10 -17.07 -17.95
CA ASP A 24 -12.56 -17.19 -17.93
C ASP A 24 -13.22 -16.83 -16.59
N ASN A 25 -12.43 -16.73 -15.52
CA ASN A 25 -12.92 -16.33 -14.19
C ASN A 25 -12.37 -14.99 -13.67
N LEU A 26 -11.73 -14.20 -14.54
CA LEU A 26 -11.28 -12.84 -14.19
C LEU A 26 -12.51 -11.95 -13.97
N ILE A 27 -12.51 -11.24 -12.84
CA ILE A 27 -13.57 -10.28 -12.51
C ILE A 27 -12.90 -8.91 -12.68
N THR A 28 -13.43 -8.09 -13.59
CA THR A 28 -12.95 -6.70 -13.78
C THR A 28 -13.75 -5.84 -12.80
N GLN A 29 -13.06 -4.86 -12.21
CA GLN A 29 -13.67 -4.01 -11.19
C GLN A 29 -13.02 -2.64 -11.11
N HIS A 30 -13.82 -1.58 -11.24
CA HIS A 30 -13.38 -0.20 -11.04
C HIS A 30 -13.76 0.12 -9.59
N VAL A 31 -12.77 0.50 -8.79
CA VAL A 31 -12.94 0.80 -7.36
C VAL A 31 -12.68 2.29 -7.14
N LYS A 32 -13.65 3.02 -6.58
CA LYS A 32 -13.47 4.46 -6.28
C LYS A 32 -12.60 4.63 -5.02
N LYS A 33 -11.94 5.77 -4.93
CA LYS A 33 -11.05 6.06 -3.79
C LYS A 33 -11.81 6.12 -2.48
N GLY A 34 -11.23 5.55 -1.43
CA GLY A 34 -11.87 5.45 -0.13
C GLY A 34 -12.60 4.14 0.10
N THR A 35 -12.72 3.29 -0.94
CA THR A 35 -13.39 1.99 -0.80
C THR A 35 -12.42 0.99 -0.17
N ILE A 36 -12.90 0.28 0.86
CA ILE A 36 -12.18 -0.82 1.50
C ILE A 36 -12.54 -2.03 0.61
N ILE A 37 -11.53 -2.66 0.02
CA ILE A 37 -11.69 -3.84 -0.86
C ILE A 37 -11.46 -5.16 -0.11
N HIS A 38 -10.68 -5.11 0.96
CA HIS A 38 -10.45 -6.24 1.87
C HIS A 38 -10.41 -5.72 3.32
N ASN A 39 -11.15 -6.39 4.23
CA ASN A 39 -11.26 -5.98 5.63
C ASN A 39 -11.06 -7.19 6.55
N GLY A 40 -9.80 -7.62 6.65
CA GLY A 40 -9.40 -8.74 7.49
C GLY A 40 -10.10 -10.05 7.15
N ASN A 41 -10.50 -10.78 8.21
CA ASN A 41 -11.21 -12.07 8.08
C ASN A 41 -12.64 -11.99 7.52
N ASP A 43 -13.54 -10.65 4.60
CA ASP A 43 -13.44 -10.89 3.16
C ASP A 43 -12.29 -11.82 2.76
N CYS A 44 -12.48 -12.51 1.65
CA CYS A 44 -11.42 -13.33 1.02
C CYS A 44 -11.76 -13.44 -0.47
N THR A 45 -11.72 -12.27 -1.11
CA THR A 45 -12.10 -12.11 -2.52
C THR A 45 -11.16 -12.86 -3.49
N GLY A 46 -9.88 -12.51 -3.44
CA GLY A 46 -8.89 -13.15 -4.31
C GLY A 46 -7.66 -12.28 -4.49
N LEU A 47 -6.76 -12.73 -5.38
CA LEU A 47 -5.56 -11.95 -5.71
C LEU A 47 -6.01 -10.80 -6.61
N LEU A 48 -5.44 -9.61 -6.38
CA LEU A 48 -5.79 -8.40 -7.14
C LEU A 48 -4.59 -7.99 -7.99
N LEU A 49 -4.81 -7.80 -9.30
CA LEU A 49 -3.79 -7.29 -10.23
C LEU A 49 -4.23 -5.85 -10.52
N VAL A 50 -3.40 -4.89 -10.11
CA VAL A 50 -3.69 -3.48 -10.30
C VAL A 50 -3.34 -3.10 -11.74
N LYS A 51 -4.37 -2.89 -12.58
CA LYS A 51 -4.17 -2.41 -13.95
C LYS A 51 -3.71 -0.95 -13.88
N SER A 52 -4.44 -0.15 -13.09
CA SER A 52 -4.15 1.27 -12.94
C SER A 52 -4.76 1.82 -11.65
N GLY A 53 -3.93 2.38 -10.76
CA GLY A 53 -4.39 2.94 -9.49
C GLY A 53 -3.41 2.81 -8.33
N GLN A 54 -3.95 2.93 -7.12
CA GLN A 54 -3.17 2.91 -5.90
C GLN A 54 -3.98 2.32 -4.73
N LEU A 55 -3.44 1.25 -4.12
CA LEU A 55 -4.03 0.55 -2.97
C LEU A 55 -3.13 0.72 -1.76
N ARG A 56 -3.75 0.68 -0.59
CA ARG A 56 -3.05 0.86 0.67
C ARG A 56 -3.40 -0.27 1.65
N THR A 57 -2.40 -1.08 2.02
CA THR A 57 -2.53 -2.15 3.01
C THR A 57 -2.14 -1.59 4.36
N TYR A 58 -3.02 -1.68 5.34
CA TYR A 58 -2.79 -1.17 6.68
C TYR A 58 -3.44 -2.04 7.77
N ILE A 59 -3.07 -1.73 9.01
CA ILE A 59 -3.61 -2.42 10.17
C ILE A 59 -4.24 -1.38 11.09
N LEU A 60 -5.26 -1.82 11.81
CA LEU A 60 -6.03 -0.98 12.73
C LEU A 60 -5.93 -1.55 14.14
N SER A 61 -5.67 -0.69 15.13
CA SER A 61 -5.71 -1.09 16.52
C SER A 61 -7.19 -1.14 16.91
N ASP A 62 -7.48 -1.82 18.02
CA ASP A 62 -8.85 -1.87 18.55
C ASP A 62 -9.40 -0.45 18.96
N GLU A 63 -8.51 0.52 19.15
CA GLU A 63 -8.85 1.93 19.42
C GLU A 63 -8.88 2.82 18.15
N GLY A 64 -8.84 2.22 16.94
CA GLY A 64 -8.87 2.98 15.68
C GLY A 64 -7.58 3.64 15.17
N ARG A 65 -6.45 3.33 15.80
CA ARG A 65 -5.13 3.85 15.38
C ARG A 65 -4.71 3.04 14.16
N GLU A 66 -3.98 3.67 13.24
CA GLU A 66 -3.57 3.01 11.99
C GLU A 66 -2.10 3.22 11.66
N ILE A 67 -1.52 2.28 10.91
CA ILE A 67 -0.17 2.42 10.30
C ILE A 67 -0.18 1.66 8.96
N THR A 68 0.31 2.31 7.89
CA THR A 68 0.42 1.70 6.55
C THR A 68 1.57 0.69 6.51
N LEU A 69 1.28 -0.54 6.09
CA LEU A 69 2.29 -1.57 5.93
C LEU A 69 3.04 -1.33 4.61
N TYR A 70 2.30 -1.17 3.52
CA TYR A 70 2.87 -0.91 2.20
C TYR A 70 1.78 -0.42 1.27
N ARG A 71 2.21 0.07 0.11
CA ARG A 71 1.32 0.52 -0.96
C ARG A 71 1.57 -0.32 -2.22
N LEU A 72 0.48 -0.54 -2.97
CA LEU A 72 0.51 -1.25 -4.25
C LEU A 72 0.09 -0.24 -5.33
N PHE A 73 0.86 -0.20 -6.43
CA PHE A 73 0.64 0.73 -7.56
C PHE A 73 0.30 -0.06 -8.85
N ASP A 74 0.30 0.62 -10.01
CA ASP A 74 0.05 -0.02 -11.33
C ASP A 74 1.00 -1.21 -11.49
N ASP A 76 1.37 -3.99 -9.74
CA ASP A 76 1.58 -4.81 -8.54
C ASP A 76 0.46 -5.85 -8.41
N CYS A 78 -1.76 -8.02 -5.38
CA CYS A 78 -2.15 -8.11 -3.98
C CYS A 78 -2.35 -9.59 -3.67
N LEU A 79 -1.61 -10.09 -2.69
CA LEU A 79 -1.72 -11.48 -2.23
C LEU A 79 -2.63 -11.59 -1.01
N LEU A 80 -2.47 -10.65 -0.06
CA LEU A 80 -3.17 -10.67 1.25
C LEU A 80 -4.70 -10.45 1.21
N SER A 81 -5.21 -10.03 0.05
CA SER A 81 -6.66 -9.97 -0.21
C SER A 81 -7.26 -11.41 -0.36
N ALA A 82 -6.40 -12.41 -0.57
CA ALA A 82 -6.74 -13.83 -0.60
C ALA A 82 -6.05 -14.59 0.56
N SER A 83 -5.82 -13.92 1.71
CA SER A 83 -5.14 -14.52 2.92
C SER A 83 -5.67 -15.87 3.42
N CYS A 84 -6.97 -16.08 3.29
CA CYS A 84 -7.63 -17.32 3.72
C CYS A 84 -7.15 -18.58 2.97
N ILE A 85 -6.55 -18.44 1.78
CA ILE A 85 -6.00 -19.58 1.04
C ILE A 85 -4.70 -20.14 1.67
N ARG A 87 -3.45 -21.11 5.53
CA ARG A 87 -3.75 -21.30 6.95
C ARG A 87 -2.76 -20.58 7.89
N SER A 88 -1.48 -20.58 7.52
CA SER A 88 -0.43 -19.95 8.34
C SER A 88 -0.40 -18.41 8.40
N ILE A 89 -1.20 -17.71 7.57
CA ILE A 89 -1.32 -16.24 7.67
C ILE A 89 -2.31 -16.01 8.82
N GLN A 90 -1.79 -15.73 10.01
CA GLN A 90 -2.59 -15.53 11.23
C GLN A 90 -2.64 -14.08 11.71
N PHE A 91 -2.69 -13.17 10.75
CA PHE A 91 -2.84 -11.72 10.99
C PHE A 91 -3.80 -11.17 9.95
N GLU A 92 -4.53 -10.13 10.34
CA GLU A 92 -5.47 -9.49 9.43
C GLU A 92 -5.00 -8.08 9.06
N VAL A 93 -5.30 -7.71 7.81
CA VAL A 93 -4.95 -6.41 7.24
C VAL A 93 -6.17 -5.83 6.55
N THR A 94 -6.20 -4.50 6.43
CA THR A 94 -7.24 -3.79 5.70
C THR A 94 -6.59 -3.21 4.44
N ILE A 95 -7.22 -3.42 3.29
CA ILE A 95 -6.73 -2.94 1.99
C ILE A 95 -7.82 -2.02 1.43
N GLU A 96 -7.43 -0.81 1.02
CA GLU A 96 -8.35 0.17 0.45
C GLU A 96 -7.73 0.94 -0.71
N ALA A 97 -8.60 1.51 -1.57
CA ALA A 97 -8.18 2.30 -2.73
C ALA A 97 -7.87 3.75 -2.32
N GLU A 98 -6.61 4.18 -2.49
CA GLU A 98 -6.21 5.59 -2.23
C GLU A 98 -6.54 6.54 -3.38
N LYS A 99 -6.62 5.99 -4.58
CA LYS A 99 -7.07 6.69 -5.79
C LYS A 99 -8.02 5.73 -6.48
N ASP A 100 -8.79 6.22 -7.45
CA ASP A 100 -9.72 5.36 -8.23
C ASP A 100 -8.86 4.31 -8.91
N THR A 101 -9.20 3.04 -8.72
CA THR A 101 -8.37 1.94 -9.21
C THR A 101 -9.12 0.91 -10.06
N ASP A 102 -8.49 0.52 -11.18
CA ASP A 102 -8.98 -0.53 -12.07
C ASP A 102 -8.21 -1.80 -11.72
N LEU A 103 -8.94 -2.81 -11.24
CA LEU A 103 -8.40 -4.10 -10.81
C LEU A 103 -8.97 -5.26 -11.61
N TRP A 104 -8.19 -6.34 -11.62
CA TRP A 104 -8.63 -7.66 -12.05
C TRP A 104 -8.54 -8.48 -10.78
N ILE A 105 -9.51 -9.37 -10.57
CA ILE A 105 -9.51 -10.29 -9.42
C ILE A 105 -9.47 -11.73 -9.94
N ILE A 106 -8.49 -12.51 -9.46
CA ILE A 106 -8.39 -13.93 -9.74
C ILE A 106 -9.03 -14.53 -8.47
N PRO A 107 -10.22 -15.17 -8.57
CA PRO A 107 -10.85 -15.80 -7.38
C PRO A 107 -9.91 -16.71 -6.58
N ALA A 108 -10.01 -16.64 -5.25
CA ALA A 108 -9.13 -17.37 -4.32
C ALA A 108 -9.15 -18.88 -4.51
N GLU A 109 -10.35 -19.46 -4.61
CA GLU A 109 -10.51 -20.93 -4.82
C GLU A 109 -9.79 -21.43 -6.09
N ILE A 110 -9.87 -20.62 -7.15
CA ILE A 110 -9.22 -20.89 -8.44
C ILE A 110 -7.70 -20.79 -8.34
N TYR A 111 -7.22 -19.71 -7.73
CA TYR A 111 -5.79 -19.49 -7.56
C TYR A 111 -5.16 -20.57 -6.64
N LYS A 112 -5.85 -20.87 -5.53
CA LYS A 112 -5.49 -21.93 -4.57
C LYS A 112 -5.36 -23.30 -5.26
N GLY A 113 -6.31 -23.63 -6.13
CA GLY A 113 -6.34 -24.88 -6.90
C GLY A 113 -5.13 -25.05 -7.81
N ILE A 114 -4.80 -24.00 -8.58
CA ILE A 114 -3.63 -23.96 -9.48
C ILE A 114 -2.31 -24.07 -8.68
N LYS A 116 -1.85 -25.56 -5.74
CA LYS A 116 -1.73 -26.93 -5.19
C LYS A 116 -0.92 -27.85 -6.13
N ASP A 117 -1.16 -27.73 -7.44
CA ASP A 117 -0.51 -28.56 -8.47
C ASP A 117 0.71 -27.98 -9.17
N SER A 118 0.86 -26.67 -9.20
CA SER A 118 1.96 -26.00 -9.91
C SER A 118 3.06 -25.47 -8.97
N ALA A 119 4.27 -26.04 -9.10
CA ALA A 119 5.46 -25.55 -8.40
C ALA A 119 5.76 -24.10 -8.84
N PRO A 120 5.75 -23.79 -10.18
CA PRO A 120 5.94 -22.41 -10.67
C PRO A 120 5.02 -21.35 -10.05
N VAL A 121 3.72 -21.65 -9.96
CA VAL A 121 2.73 -20.75 -9.33
C VAL A 121 2.95 -20.72 -7.80
N ALA A 122 3.29 -21.87 -7.21
CA ALA A 122 3.60 -21.95 -5.77
C ALA A 122 4.83 -21.10 -5.41
N ASN A 123 5.90 -21.27 -6.18
CA ASN A 123 7.14 -20.47 -6.01
C ASN A 123 6.93 -19.00 -6.33
N TYR A 124 6.08 -18.69 -7.30
CA TYR A 124 5.78 -17.30 -7.61
C TYR A 124 5.07 -16.62 -6.41
N THR A 125 4.15 -17.33 -5.75
CA THR A 125 3.46 -16.82 -4.58
C THR A 125 4.43 -16.58 -3.41
N ASN A 126 5.46 -17.43 -3.27
CA ASN A 126 6.56 -17.25 -2.28
C ASN A 126 7.27 -15.94 -2.51
N GLU A 127 7.66 -15.70 -3.76
CA GLU A 127 8.35 -14.47 -4.17
C GLU A 127 7.47 -13.23 -3.93
N LEU A 128 6.15 -13.39 -4.09
CA LEU A 128 5.19 -12.32 -3.84
C LEU A 128 5.13 -12.06 -2.33
N ALA A 130 7.51 -12.90 -0.03
CA ALA A 130 8.84 -12.40 0.34
C ALA A 130 8.99 -10.89 0.10
N THR A 131 8.45 -10.40 -1.02
CA THR A 131 8.43 -8.96 -1.36
C THR A 131 7.69 -8.15 -0.28
N ARG A 132 6.49 -8.63 0.08
CA ARG A 132 5.63 -7.97 1.07
C ARG A 132 6.24 -8.13 2.49
N PHE A 133 6.85 -9.29 2.77
CA PHE A 133 7.59 -9.55 4.02
C PHE A 133 8.72 -8.52 4.09
N SER A 134 9.48 -8.39 2.99
CA SER A 134 10.57 -7.41 2.90
C SER A 134 10.05 -5.96 3.10
N ASP A 135 8.91 -5.61 2.50
CA ASP A 135 8.28 -4.27 2.69
C ASP A 135 8.02 -3.99 4.18
N VAL A 136 7.38 -4.95 4.84
CA VAL A 136 7.10 -4.88 6.27
C VAL A 136 8.39 -4.86 7.13
N TRP A 138 11.29 -3.42 6.13
CA TRP A 138 11.77 -2.04 5.97
C TRP A 138 11.00 -1.13 6.95
N LEU A 139 9.69 -1.40 7.12
CA LEU A 139 8.86 -0.67 8.05
C LEU A 139 9.31 -0.86 9.50
N ILE A 140 9.64 -2.08 9.94
CA ILE A 140 10.17 -2.30 11.32
C ILE A 140 11.45 -1.50 11.51
N GLU A 141 12.36 -1.61 10.54
CA GLU A 141 13.64 -0.85 10.53
C GLU A 141 13.41 0.67 10.62
N GLN A 142 12.39 1.17 9.90
CA GLN A 142 12.06 2.61 9.91
CA GLN A 142 12.06 2.60 9.90
C GLN A 142 11.49 3.01 11.28
N ILE A 143 10.48 2.26 11.75
CA ILE A 143 9.83 2.51 13.07
C ILE A 143 10.80 2.52 14.25
N TRP A 145 14.50 2.41 14.24
CA TRP A 145 15.74 3.17 14.12
C TRP A 145 15.60 4.66 13.75
N LYS A 146 14.51 5.05 13.07
CA LYS A 146 14.30 6.45 12.68
C LYS A 146 13.22 7.19 13.50
N SER A 147 13.60 8.35 14.06
CA SER A 147 12.70 9.23 14.82
C SER A 147 11.58 9.82 13.96
N LEU A 148 10.52 10.30 14.61
CA LEU A 148 9.29 10.77 13.94
C LEU A 148 9.51 11.90 12.93
N ASP A 149 10.37 12.86 13.27
CA ASP A 149 10.74 13.95 12.34
C ASP A 149 11.29 13.39 11.01
N LYS A 150 12.14 12.37 11.10
CA LYS A 150 12.72 11.73 9.90
C LYS A 150 11.68 10.98 9.08
N ARG A 151 10.75 10.32 9.76
CA ARG A 151 9.69 9.54 9.12
C ARG A 151 8.65 10.43 8.44
N VAL A 152 8.33 11.57 9.06
CA VAL A 152 7.43 12.57 8.47
C VAL A 152 8.12 13.14 7.22
N ALA A 153 9.40 13.53 7.36
CA ALA A 153 10.23 13.99 6.23
C ALA A 153 10.24 12.97 5.07
N SER A 154 10.40 11.71 5.42
CA SER A 154 10.41 10.61 4.46
C SER A 154 9.05 10.43 3.75
N PHE A 155 7.96 10.56 4.50
CA PHE A 155 6.62 10.45 3.94
C PHE A 155 6.30 11.61 2.99
N LEU A 156 6.61 12.84 3.41
CA LEU A 156 6.37 14.03 2.56
C LEU A 156 7.09 13.92 1.20
N LEU A 157 8.31 13.37 1.20
CA LEU A 157 9.06 13.09 -0.04
C LEU A 157 8.43 11.97 -0.89
N GLU A 158 7.83 10.97 -0.24
CA GLU A 158 7.15 9.89 -0.97
C GLU A 158 5.88 10.42 -1.64
N GLU A 159 5.00 11.07 -0.86
CA GLU A 159 3.73 11.62 -1.42
C GLU A 159 3.93 12.60 -2.57
N THR A 160 4.92 13.49 -2.43
CA THR A 160 5.23 14.43 -3.51
C THR A 160 5.70 13.70 -4.78
N SER A 161 6.43 12.59 -4.64
CA SER A 161 6.85 11.78 -5.81
C SER A 161 5.68 11.09 -6.48
N ILE A 162 4.80 10.50 -5.67
CA ILE A 162 3.59 9.80 -6.14
C ILE A 162 2.64 10.76 -6.87
N GLU A 163 2.35 11.91 -6.23
CA GLU A 163 1.47 12.93 -6.79
C GLU A 163 2.12 13.76 -7.91
N GLY A 164 3.46 13.75 -7.99
CA GLY A 164 4.19 14.55 -8.98
C GLY A 164 4.00 16.03 -8.76
N THR A 165 4.01 16.45 -7.49
CA THR A 165 3.77 17.83 -7.10
C THR A 165 4.26 18.07 -5.66
N ASN A 166 4.86 19.23 -5.40
CA ASN A 166 5.29 19.62 -4.03
C ASN A 166 4.14 20.18 -3.15
N GLU A 167 2.91 20.07 -3.62
CA GLU A 167 1.71 20.58 -3.00
C GLU A 167 0.81 19.40 -2.67
N LEU A 168 0.78 19.01 -1.38
CA LEU A 168 -0.03 17.89 -0.91
C LEU A 168 -1.35 18.41 -0.34
N LYS A 169 -2.48 17.83 -0.79
CA LYS A 169 -3.82 18.19 -0.31
C LYS A 169 -4.34 17.07 0.60
N ILE A 170 -3.66 16.86 1.72
CA ILE A 170 -4.01 15.85 2.75
C ILE A 170 -4.12 16.45 4.18
N THR A 171 -4.85 15.73 5.03
CA THR A 171 -5.07 16.11 6.40
C THR A 171 -3.94 15.58 7.26
N HIS A 172 -3.87 16.13 8.47
CA HIS A 172 -2.89 15.71 9.46
C HIS A 172 -3.23 14.30 9.97
N GLU A 173 -4.53 13.96 9.98
CA GLU A 173 -5.05 12.62 10.33
C GLU A 173 -4.50 11.54 9.38
N THR A 174 -4.52 11.81 8.07
CA THR A 174 -4.02 10.86 7.04
C THR A 174 -2.53 10.55 7.24
N ILE A 175 -1.74 11.58 7.55
CA ILE A 175 -0.30 11.44 7.80
C ILE A 175 -0.13 10.58 9.09
N ALA A 176 -0.84 10.95 10.15
CA ALA A 176 -0.86 10.18 11.43
C ALA A 176 -1.24 8.71 11.20
N ASN A 177 -2.25 8.48 10.36
CA ASN A 177 -2.71 7.13 9.99
C ASN A 177 -1.69 6.35 9.14
N HIS A 178 -0.90 7.05 8.33
CA HIS A 178 0.19 6.42 7.58
C HIS A 178 1.35 5.95 8.46
N LEU A 179 1.71 6.78 9.44
CA LEU A 179 2.86 6.55 10.31
C LEU A 179 2.62 5.88 11.67
N GLY A 180 1.38 5.61 12.06
CA GLY A 180 1.11 5.07 13.39
C GLY A 180 1.28 6.09 14.51
N SER A 181 0.98 7.37 14.21
CA SER A 181 1.07 8.47 15.18
C SER A 181 -0.32 9.06 15.46
N HIS A 182 -0.38 10.11 16.28
CA HIS A 182 -1.63 10.84 16.59
C HIS A 182 -1.59 12.17 15.85
N ARG A 183 -2.77 12.65 15.41
CA ARG A 183 -2.92 13.92 14.64
C ARG A 183 -2.21 15.12 15.28
N GLU A 184 -2.45 15.29 16.58
CA GLU A 184 -1.85 16.37 17.39
C GLU A 184 -0.31 16.37 17.31
N VAL A 185 0.30 15.18 17.36
CA VAL A 185 1.77 15.03 17.25
C VAL A 185 2.24 15.40 15.83
N ILE A 186 1.47 15.00 14.81
CA ILE A 186 1.76 15.31 13.41
C ILE A 186 1.65 16.83 13.20
N THR A 187 0.56 17.44 13.68
CA THR A 187 0.38 18.91 13.58
C THR A 187 1.54 19.68 14.22
N ARG A 188 1.97 19.23 15.40
CA ARG A 188 3.10 19.82 16.15
C ARG A 188 4.38 19.76 15.29
N LEU A 190 4.59 19.26 11.90
CA LEU A 190 4.47 20.06 10.68
C LEU A 190 4.72 21.55 10.97
N ARG A 191 4.27 22.02 12.13
CA ARG A 191 4.50 23.41 12.58
C ARG A 191 5.98 23.69 12.90
N TYR A 192 6.68 22.68 13.43
CA TYR A 192 8.14 22.73 13.63
C TYR A 192 8.85 22.82 12.27
N PHE A 193 8.37 22.04 11.30
CA PHE A 193 8.87 22.05 9.90
C PHE A 193 8.62 23.41 9.24
N GLN A 194 7.45 24.00 9.50
CA GLN A 194 7.11 25.35 8.97
C GLN A 194 7.99 26.43 9.58
N VAL A 195 8.21 26.36 10.90
CA VAL A 195 9.13 27.27 11.60
C VAL A 195 10.56 27.12 11.04
N GLU A 196 10.98 25.89 10.73
CA GLU A 196 12.29 25.62 10.10
C GLU A 196 12.33 25.85 8.56
N GLY A 197 11.26 26.35 7.94
CA GLY A 197 11.23 26.60 6.49
C GLY A 197 11.20 25.39 5.56
N LEU A 198 10.91 24.20 6.08
CA LEU A 198 10.85 22.99 5.25
C LEU A 198 9.54 22.89 4.45
N VAL A 199 8.44 23.33 5.08
CA VAL A 199 7.10 23.30 4.48
C VAL A 199 6.32 24.57 4.77
N LYS A 200 5.25 24.78 4.01
CA LYS A 200 4.29 25.87 4.23
C LYS A 200 2.94 25.20 4.52
N LEU A 201 2.26 25.66 5.56
CA LEU A 201 0.95 25.12 5.96
C LEU A 201 -0.12 26.16 5.68
N SER A 202 -1.18 25.74 5.00
CA SER A 202 -2.32 26.61 4.68
C SER A 202 -3.60 25.77 4.59
N ARG A 203 -4.75 26.42 4.38
CA ARG A 203 -6.06 25.74 4.32
C ARG A 203 -6.14 24.49 3.40
N GLY A 204 -6.09 23.32 4.06
CA GLY A 204 -6.17 21.99 3.44
C GLY A 204 -5.00 21.65 2.55
N LYS A 205 -3.81 22.11 2.92
CA LYS A 205 -2.64 21.96 2.06
C LYS A 205 -1.30 22.11 2.80
N ILE A 206 -0.37 21.22 2.46
CA ILE A 206 1.02 21.24 2.93
C ILE A 206 1.85 21.42 1.64
N THR A 207 2.63 22.50 1.56
CA THR A 207 3.47 22.77 0.41
C THR A 207 4.91 22.55 0.83
N ILE A 208 5.62 21.65 0.15
CA ILE A 208 7.01 21.36 0.46
C ILE A 208 7.83 22.52 -0.09
N LEU A 209 8.55 23.22 0.79
CA LEU A 209 9.37 24.37 0.42
C LEU A 209 10.81 23.97 0.12
N ASP A 210 11.42 23.13 0.96
CA ASP A 210 12.81 22.67 0.76
C ASP A 210 12.87 21.13 0.73
N SER A 211 12.77 20.61 -0.50
CA SER A 211 12.83 19.18 -0.77
C SER A 211 14.26 18.61 -0.51
N LYS A 212 15.30 19.41 -0.79
CA LYS A 212 16.70 19.03 -0.53
C LYS A 212 16.94 18.85 0.98
N ARG A 213 16.48 19.81 1.80
CA ARG A 213 16.61 19.71 3.27
C ARG A 213 15.76 18.62 3.93
N LEU A 214 14.56 18.37 3.42
CA LEU A 214 13.72 17.25 3.92
C LEU A 214 14.43 15.92 3.66
N GLU A 215 15.08 15.79 2.52
CA GLU A 215 15.84 14.58 2.18
C GLU A 215 17.02 14.37 3.13
N THR A 216 17.68 15.44 3.59
CA THR A 216 18.77 15.31 4.56
C THR A 216 18.26 14.89 5.98
N LEU A 217 16.99 15.19 6.33
CA LEU A 217 16.37 14.65 7.58
C LEU A 217 16.16 13.15 7.44
N GLN A 218 15.44 12.75 6.37
CA GLN A 218 15.19 11.34 6.02
C GLN A 218 16.45 10.47 6.15
N ARG A 219 17.54 10.98 5.58
CA ARG A 219 18.84 10.31 5.56
C ARG A 219 19.58 10.33 6.90
N SER A 220 19.38 11.38 7.72
CA SER A 220 20.03 11.51 9.05
C SER A 220 19.87 10.30 9.99
#